data_2OOJ
#
_entry.id   2OOJ
#
_cell.length_a   47.211
_cell.length_b   55.254
_cell.length_c   106.086
_cell.angle_alpha   90.000
_cell.angle_beta   90.000
_cell.angle_gamma   90.000
#
_symmetry.space_group_name_H-M   'P 21 21 21'
#
loop_
_entity.id
_entity.type
_entity.pdbx_description
1 polymer 'Hypothetical protein'
2 non-polymer 'ACETATE ION'
3 water water
#
_entity_poly.entity_id   1
_entity_poly.type   'polypeptide(L)'
_entity_poly.pdbx_seq_one_letter_code
;G(MSE)E(MSE)TKVTGKFDVKLTPENAYATGVGGVNLGR(MSE)ALDKTFYGELEARSQGE(MSE)LSA(MSE)TAVKG
SAGYVAIEQVVGKLCGRQGSFVLQHFGI(MSE)TDGQNRLHLEVVPHSGAGELTGLYGT(MSE)AISIENGQHFYEFSFC
FEPASEVEG
;
_entity_poly.pdbx_strand_id   A,B
#
# COMPACT_ATOMS: atom_id res chain seq x y z
N GLU A 3 1.11 8.45 -25.74
CA GLU A 3 1.85 9.40 -24.87
C GLU A 3 2.83 8.64 -23.96
N THR A 5 5.60 5.82 -23.11
CA THR A 5 6.59 4.86 -23.59
C THR A 5 6.34 3.57 -22.84
N LYS A 6 6.45 2.44 -23.54
CA LYS A 6 6.15 1.14 -22.97
CA LYS A 6 6.15 1.14 -22.96
C LYS A 6 7.31 0.18 -23.21
N VAL A 7 7.94 -0.30 -22.12
CA VAL A 7 9.03 -1.29 -22.20
C VAL A 7 8.72 -2.52 -21.34
N THR A 8 9.36 -3.63 -21.69
CA THR A 8 9.28 -4.86 -20.91
C THR A 8 10.68 -5.36 -20.68
N GLY A 9 10.82 -6.19 -19.64
CA GLY A 9 12.05 -6.88 -19.38
C GLY A 9 11.90 -7.87 -18.25
N LYS A 10 13.04 -8.40 -17.79
CA LYS A 10 13.08 -9.37 -16.71
C LYS A 10 13.47 -8.72 -15.41
N PHE A 11 12.99 -9.27 -14.30
CA PHE A 11 13.53 -8.89 -13.04
C PHE A 11 13.67 -10.12 -12.14
N ASP A 12 14.52 -9.96 -11.16
CA ASP A 12 14.69 -10.91 -10.06
C ASP A 12 14.23 -10.26 -8.76
N VAL A 13 13.60 -11.05 -7.88
CA VAL A 13 13.18 -10.54 -6.58
C VAL A 13 13.53 -11.50 -5.47
N LYS A 14 13.97 -10.93 -4.36
CA LYS A 14 14.25 -11.68 -3.14
C LYS A 14 13.42 -11.03 -2.04
N LEU A 15 12.68 -11.83 -1.27
N LEU A 15 12.63 -11.85 -1.37
CA LEU A 15 11.79 -11.30 -0.23
CA LEU A 15 11.92 -11.44 -0.20
C LEU A 15 12.05 -11.93 1.16
C LEU A 15 12.74 -11.92 1.00
N THR A 16 12.68 -11.16 2.07
CA THR A 16 13.17 -11.66 3.33
C THR A 16 12.11 -11.46 4.39
N PRO A 17 11.76 -12.51 5.15
CA PRO A 17 10.72 -12.33 6.16
C PRO A 17 11.17 -11.35 7.25
N GLU A 18 10.22 -10.57 7.75
CA GLU A 18 10.43 -9.70 8.91
C GLU A 18 9.30 -9.89 9.92
N ASN A 19 9.44 -9.33 11.12
CA ASN A 19 8.37 -9.44 12.12
C ASN A 19 7.36 -8.32 11.95
N ALA A 20 6.09 -8.70 11.84
CA ALA A 20 5.02 -7.70 11.67
C ALA A 20 4.66 -7.15 13.03
N TYR A 21 4.33 -5.86 13.09
CA TYR A 21 3.99 -5.19 14.34
C TYR A 21 2.69 -5.73 14.88
N ALA A 22 1.69 -5.84 14.00
CA ALA A 22 0.38 -6.21 14.44
C ALA A 22 0.19 -7.71 14.28
N THR A 23 -0.85 -8.25 14.91
CA THR A 23 -1.17 -9.66 14.79
C THR A 23 -2.55 -9.87 14.18
N GLY A 24 -2.67 -10.81 13.23
CA GLY A 24 -3.93 -11.13 12.61
C GLY A 24 -4.87 -11.87 13.53
N VAL A 25 -6.16 -11.59 13.41
CA VAL A 25 -7.18 -12.33 14.15
C VAL A 25 -8.28 -12.79 13.21
N GLY A 26 -9.10 -13.73 13.67
CA GLY A 26 -10.19 -14.22 12.87
C GLY A 26 -9.77 -14.91 11.61
N GLY A 27 -8.60 -15.53 11.64
CA GLY A 27 -8.14 -16.27 10.50
C GLY A 27 -7.21 -15.49 9.63
N VAL A 28 -7.01 -14.21 9.92
CA VAL A 28 -6.06 -13.38 9.20
C VAL A 28 -4.65 -13.65 9.71
N ASN A 29 -3.72 -13.71 8.77
CA ASN A 29 -2.30 -13.74 9.04
C ASN A 29 -1.62 -12.56 8.35
N LEU A 30 -0.92 -11.74 9.13
CA LEU A 30 -0.25 -10.56 8.63
C LEU A 30 1.23 -10.84 8.46
N GLY A 31 1.85 -10.15 7.52
CA GLY A 31 3.25 -10.31 7.22
C GLY A 31 3.91 -8.98 6.91
N ARG A 32 5.22 -8.95 7.14
CA ARG A 32 6.05 -7.89 6.68
C ARG A 32 7.26 -8.56 6.08
N ALA A 34 11.01 -7.64 3.67
CA ALA A 34 11.96 -6.77 2.99
C ALA A 34 12.09 -7.23 1.54
N LEU A 35 12.18 -6.26 0.62
CA LEU A 35 12.20 -6.52 -0.80
C LEU A 35 13.53 -6.05 -1.38
N ASP A 36 14.15 -6.91 -2.17
CA ASP A 36 15.35 -6.58 -2.94
C ASP A 36 15.06 -7.07 -4.33
N LYS A 37 15.17 -6.18 -5.31
CA LYS A 37 14.96 -6.58 -6.70
C LYS A 37 16.05 -6.06 -7.62
N THR A 38 16.23 -6.76 -8.72
CA THR A 38 17.11 -6.32 -9.80
C THR A 38 16.36 -6.35 -11.10
N PHE A 39 16.32 -5.20 -11.76
CA PHE A 39 15.70 -5.11 -13.08
C PHE A 39 16.73 -5.16 -14.16
N TYR A 40 16.44 -5.90 -15.21
CA TYR A 40 17.30 -5.98 -16.38
C TYR A 40 16.59 -5.39 -17.59
N GLY A 41 17.38 -4.88 -18.53
CA GLY A 41 16.90 -4.38 -19.82
C GLY A 41 16.79 -2.87 -19.93
N GLU A 42 15.65 -2.37 -20.39
CA GLU A 42 15.50 -0.94 -20.55
C GLU A 42 15.48 -0.23 -19.20
N LEU A 43 14.91 -0.89 -18.19
CA LEU A 43 15.10 -0.51 -16.81
C LEU A 43 16.18 -1.42 -16.26
N GLU A 44 17.36 -0.85 -16.02
CA GLU A 44 18.48 -1.61 -15.51
C GLU A 44 18.77 -1.03 -14.15
N ALA A 45 18.33 -1.72 -13.11
CA ALA A 45 18.20 -1.07 -11.81
C ALA A 45 18.16 -2.06 -10.69
N ARG A 46 18.39 -1.52 -9.52
CA ARG A 46 18.25 -2.27 -8.25
C ARG A 46 17.20 -1.56 -7.40
N SER A 47 16.42 -2.32 -6.64
CA SER A 47 15.46 -1.71 -5.73
C SER A 47 15.50 -2.38 -4.39
N GLN A 48 15.16 -1.59 -3.37
CA GLN A 48 14.94 -2.05 -2.04
C GLN A 48 13.66 -1.43 -1.53
N GLY A 49 12.94 -2.18 -0.72
CA GLY A 49 11.79 -1.64 -0.02
C GLY A 49 11.21 -2.62 0.95
N GLU A 50 9.93 -2.42 1.28
CA GLU A 50 9.22 -3.37 2.14
C GLU A 50 7.82 -3.57 1.64
N LEU A 52 3.89 -5.13 2.99
CA LEU A 52 3.03 -5.65 4.07
C LEU A 52 1.94 -6.50 3.41
N SER A 53 1.49 -7.50 4.13
CA SER A 53 0.59 -8.50 3.59
C SER A 53 -0.49 -8.88 4.60
N ALA A 54 -1.65 -9.28 4.09
CA ALA A 54 -2.71 -9.81 4.90
C ALA A 54 -3.33 -10.97 4.12
N THR A 56 -6.10 -14.05 4.33
CA THR A 56 -7.38 -14.34 4.99
C THR A 56 -7.57 -15.84 5.04
N ALA A 57 -8.67 -16.29 5.69
CA ALA A 57 -8.96 -17.71 5.82
C ALA A 57 -9.62 -18.30 4.58
N VAL A 58 -9.86 -17.48 3.57
CA VAL A 58 -10.49 -17.94 2.36
C VAL A 58 -9.41 -18.07 1.33
N LYS A 59 -9.45 -19.17 0.58
CA LYS A 59 -8.39 -19.42 -0.40
C LYS A 59 -8.39 -18.35 -1.48
N GLY A 60 -7.18 -17.93 -1.83
CA GLY A 60 -6.98 -16.96 -2.90
C GLY A 60 -7.41 -15.55 -2.56
N SER A 61 -7.68 -15.29 -1.28
CA SER A 61 -8.08 -13.96 -0.86
C SER A 61 -7.00 -13.38 0.07
N ALA A 62 -6.39 -12.28 -0.36
CA ALA A 62 -5.27 -11.67 0.36
C ALA A 62 -5.03 -10.25 -0.12
N GLY A 63 -4.28 -9.46 0.65
CA GLY A 63 -3.91 -8.12 0.21
C GLY A 63 -2.42 -7.90 0.44
N TYR A 64 -1.82 -7.11 -0.41
CA TYR A 64 -0.40 -6.73 -0.25
C TYR A 64 -0.25 -5.27 -0.53
N VAL A 65 0.69 -4.61 0.14
CA VAL A 65 1.08 -3.25 -0.27
C VAL A 65 2.60 -3.21 -0.16
N ALA A 66 3.20 -2.28 -0.88
CA ALA A 66 4.63 -2.10 -0.79
C ALA A 66 5.07 -0.71 -1.23
N ILE A 67 6.26 -0.34 -0.77
CA ILE A 67 6.96 0.83 -1.29
C ILE A 67 8.41 0.41 -1.51
N GLU A 68 8.94 0.74 -2.68
CA GLU A 68 10.29 0.43 -3.03
C GLU A 68 11.02 1.57 -3.71
N GLN A 69 12.28 1.75 -3.33
CA GLN A 69 13.15 2.73 -3.93
C GLN A 69 14.00 2.06 -5.00
N VAL A 70 13.86 2.55 -6.22
CA VAL A 70 14.57 2.06 -7.38
C VAL A 70 15.71 3.02 -7.75
N VAL A 71 16.90 2.45 -8.00
CA VAL A 71 18.07 3.22 -8.42
C VAL A 71 18.72 2.54 -9.62
N GLY A 72 18.81 3.28 -10.72
CA GLY A 72 19.48 2.78 -11.90
C GLY A 72 19.27 3.63 -13.13
N LYS A 73 19.12 2.97 -14.26
CA LYS A 73 18.94 3.63 -15.54
C LYS A 73 17.64 3.17 -16.16
N LEU A 74 16.89 4.12 -16.71
CA LEU A 74 15.74 3.80 -17.52
C LEU A 74 15.99 4.39 -18.90
N CYS A 75 16.05 3.52 -19.89
CA CYS A 75 16.33 3.94 -21.27
C CYS A 75 17.57 4.84 -21.31
N GLY A 76 18.62 4.46 -20.57
CA GLY A 76 19.87 5.21 -20.57
C GLY A 76 19.99 6.37 -19.60
N ARG A 77 18.87 6.77 -18.99
CA ARG A 77 18.86 7.93 -18.09
C ARG A 77 19.07 7.47 -16.70
N GLN A 78 20.07 8.04 -16.04
CA GLN A 78 20.49 7.59 -14.72
C GLN A 78 19.77 8.35 -13.65
N GLY A 79 19.09 7.62 -12.78
CA GLY A 79 18.38 8.29 -11.72
C GLY A 79 17.76 7.35 -10.72
N SER A 80 16.68 7.81 -10.12
CA SER A 80 15.97 7.02 -9.11
C SER A 80 14.50 7.43 -9.10
N PHE A 81 13.65 6.53 -8.58
CA PHE A 81 12.22 6.82 -8.42
C PHE A 81 11.68 5.80 -7.41
N VAL A 82 10.48 6.07 -6.88
CA VAL A 82 9.80 5.19 -5.92
C VAL A 82 8.55 4.58 -6.58
N LEU A 83 8.41 3.28 -6.39
CA LEU A 83 7.21 2.55 -6.79
C LEU A 83 6.37 2.19 -5.58
N GLN A 84 5.07 2.45 -5.71
CA GLN A 84 4.11 2.14 -4.69
C GLN A 84 3.10 1.11 -5.23
N HIS A 85 2.88 0.08 -4.46
CA HIS A 85 2.10 -1.13 -4.81
C HIS A 85 0.85 -1.26 -3.93
N PHE A 86 -0.25 -1.67 -4.56
CA PHE A 86 -1.49 -2.04 -3.88
C PHE A 86 -2.03 -3.22 -4.67
N GLY A 87 -2.22 -4.36 -4.00
CA GLY A 87 -2.74 -5.58 -4.60
C GLY A 87 -3.84 -6.19 -3.75
N ILE A 88 -4.90 -6.64 -4.41
CA ILE A 88 -5.95 -7.41 -3.76
C ILE A 88 -6.22 -8.61 -4.65
N THR A 90 -8.68 -11.77 -4.89
CA THR A 90 -9.92 -12.37 -4.36
C THR A 90 -10.35 -13.44 -5.34
N ASP A 91 -10.15 -14.69 -4.91
CA ASP A 91 -9.68 -15.81 -5.77
C ASP A 91 -8.32 -15.47 -6.43
N ASN A 94 -7.53 -11.05 -9.00
CA ASN A 94 -6.33 -10.25 -8.78
C ASN A 94 -6.40 -8.82 -9.35
N ARG A 95 -6.11 -7.83 -8.50
CA ARG A 95 -6.10 -6.42 -8.90
C ARG A 95 -4.75 -5.91 -8.41
N LEU A 96 -3.93 -5.34 -9.28
CA LEU A 96 -2.60 -4.84 -8.85
C LEU A 96 -2.35 -3.49 -9.47
N HIS A 97 -2.06 -2.48 -8.62
CA HIS A 97 -1.70 -1.13 -9.03
C HIS A 97 -0.28 -0.83 -8.54
N LEU A 98 0.61 -0.56 -9.49
CA LEU A 98 2.01 -0.25 -9.19
CA LEU A 98 1.99 -0.26 -9.19
C LEU A 98 2.30 1.04 -9.88
N GLU A 99 2.59 2.08 -9.09
CA GLU A 99 2.63 3.44 -9.58
C GLU A 99 3.88 4.14 -9.11
N VAL A 100 4.47 4.93 -9.99
CA VAL A 100 5.58 5.82 -9.66
C VAL A 100 4.99 6.93 -8.78
N VAL A 101 5.55 7.07 -7.59
CA VAL A 101 5.15 8.13 -6.66
C VAL A 101 5.50 9.50 -7.27
N PRO A 102 4.49 10.40 -7.36
CA PRO A 102 4.69 11.71 -7.97
C PRO A 102 5.85 12.45 -7.37
N HIS A 103 6.70 12.98 -8.27
CA HIS A 103 7.91 13.75 -7.90
C HIS A 103 8.96 12.98 -7.14
N SER A 104 8.85 11.66 -7.15
CA SER A 104 9.90 10.81 -6.58
C SER A 104 11.09 10.65 -7.55
N GLY A 105 10.88 10.98 -8.83
CA GLY A 105 11.91 10.82 -9.86
C GLY A 105 13.03 11.80 -9.56
N ALA A 106 14.27 11.35 -9.66
CA ALA A 106 15.41 12.25 -9.43
C ALA A 106 16.47 12.00 -10.47
N GLY A 107 17.45 12.89 -10.55
CA GLY A 107 18.57 12.65 -11.43
C GLY A 107 18.05 12.94 -12.82
N GLU A 108 18.42 12.12 -13.79
CA GLU A 108 17.87 12.27 -15.13
C GLU A 108 16.47 11.68 -15.25
N LEU A 109 15.94 11.13 -14.15
CA LEU A 109 14.56 10.63 -14.13
C LEU A 109 13.60 11.59 -13.46
N THR A 110 14.08 12.79 -13.17
CA THR A 110 13.21 13.87 -12.74
C THR A 110 12.05 14.05 -13.68
N GLY A 111 10.86 14.18 -13.13
CA GLY A 111 9.65 14.35 -13.93
C GLY A 111 8.98 13.03 -14.28
N LEU A 112 9.57 11.89 -13.90
CA LEU A 112 8.96 10.59 -14.27
C LEU A 112 7.55 10.35 -13.69
N TYR A 113 6.68 9.79 -14.53
CA TYR A 113 5.29 9.46 -14.19
C TYR A 113 5.08 8.10 -14.82
N GLY A 114 4.34 7.22 -14.17
CA GLY A 114 4.06 5.93 -14.79
C GLY A 114 3.60 4.82 -13.91
N THR A 115 3.33 3.68 -14.53
CA THR A 115 2.77 2.54 -13.87
C THR A 115 3.50 1.32 -14.42
N ALA A 117 3.47 -3.16 -14.62
CA ALA A 117 2.73 -4.43 -14.51
C ALA A 117 3.75 -5.54 -14.46
N ILE A 118 3.32 -6.68 -13.96
CA ILE A 118 4.19 -7.84 -13.85
C ILE A 118 3.53 -9.14 -14.19
N SER A 119 4.37 -10.14 -14.44
CA SER A 119 3.90 -11.49 -14.68
CA SER A 119 3.92 -11.48 -14.74
C SER A 119 5.05 -12.44 -14.44
N ILE A 120 4.73 -13.72 -14.44
CA ILE A 120 5.73 -14.77 -14.21
C ILE A 120 5.46 -15.79 -15.27
N GLU A 121 6.50 -16.09 -16.05
CA GLU A 121 6.43 -17.07 -17.12
C GLU A 121 7.56 -18.05 -16.83
N ASN A 122 7.18 -19.29 -16.53
CA ASN A 122 8.12 -20.39 -16.34
C ASN A 122 9.18 -20.00 -15.32
N GLY A 123 8.70 -19.55 -14.17
CA GLY A 123 9.57 -19.08 -13.08
C GLY A 123 10.26 -17.74 -13.26
N GLN A 124 10.19 -17.16 -14.44
CA GLN A 124 10.87 -15.90 -14.70
C GLN A 124 9.87 -14.78 -14.48
N HIS A 125 10.25 -13.83 -13.64
CA HIS A 125 9.48 -12.61 -13.46
C HIS A 125 9.83 -11.63 -14.60
N PHE A 126 8.78 -11.02 -15.11
CA PHE A 126 8.83 -9.97 -16.11
C PHE A 126 8.09 -8.73 -15.65
N TYR A 127 8.59 -7.56 -16.07
CA TYR A 127 7.89 -6.30 -15.93
C TYR A 127 7.51 -5.65 -17.28
N GLU A 128 6.41 -4.93 -17.27
CA GLU A 128 6.10 -3.91 -18.26
C GLU A 128 6.07 -2.56 -17.50
N PHE A 129 6.63 -1.52 -18.09
CA PHE A 129 6.68 -0.18 -17.52
C PHE A 129 6.20 0.84 -18.56
N SER A 130 5.09 1.53 -18.24
CA SER A 130 4.46 2.56 -19.07
C SER A 130 4.80 3.87 -18.41
N PHE A 131 5.56 4.69 -19.10
CA PHE A 131 6.05 5.88 -18.44
C PHE A 131 6.20 7.07 -19.35
N CYS A 132 6.30 8.24 -18.76
CA CYS A 132 6.60 9.45 -19.51
C CYS A 132 7.18 10.47 -18.55
N PHE A 133 7.54 11.65 -19.05
CA PHE A 133 8.18 12.69 -18.23
C PHE A 133 7.35 13.96 -18.27
N GLU A 134 7.04 14.55 -17.12
CA GLU A 134 6.26 15.80 -17.02
C GLU A 134 7.11 16.91 -17.56
N PRO A 135 6.57 17.70 -18.51
CA PRO A 135 7.32 18.83 -19.10
C PRO A 135 7.34 20.01 -18.14
N GLU B 3 -28.88 -0.29 -0.68
CA GLU B 3 -27.90 0.79 -0.54
C GLU B 3 -26.90 0.45 0.57
N THR B 5 -24.62 1.06 3.72
CA THR B 5 -24.78 1.83 4.95
C THR B 5 -23.52 2.68 5.09
N LYS B 6 -23.69 3.96 5.40
CA LYS B 6 -22.57 4.87 5.61
C LYS B 6 -22.65 5.44 7.00
N VAL B 7 -21.62 5.17 7.80
CA VAL B 7 -21.53 5.62 9.17
C VAL B 7 -20.32 6.52 9.28
N THR B 8 -20.42 7.50 10.17
CA THR B 8 -19.38 8.52 10.37
C THR B 8 -19.06 8.62 11.87
N GLY B 9 -17.81 8.92 12.17
CA GLY B 9 -17.37 8.96 13.56
C GLY B 9 -15.93 9.39 13.69
N LYS B 10 -15.49 9.60 14.93
CA LYS B 10 -14.13 10.07 15.22
C LYS B 10 -13.16 8.91 15.26
N PHE B 11 -11.91 9.15 14.92
CA PHE B 11 -10.85 8.25 15.31
C PHE B 11 -9.57 9.01 15.69
N ASP B 12 -8.75 8.41 16.54
CA ASP B 12 -7.42 8.94 16.86
C ASP B 12 -6.40 7.93 16.41
N VAL B 13 -5.24 8.38 16.00
CA VAL B 13 -4.16 7.48 15.59
C VAL B 13 -2.86 7.91 16.26
N LYS B 14 -2.07 6.91 16.67
CA LYS B 14 -0.70 7.11 17.13
C LYS B 14 0.25 6.41 16.19
N LEU B 15 1.22 7.16 15.68
CA LEU B 15 2.22 6.66 14.73
C LEU B 15 3.54 6.59 15.45
N THR B 16 4.10 5.38 15.57
CA THR B 16 5.39 5.18 16.19
C THR B 16 6.45 4.85 15.15
N PRO B 17 7.49 5.71 15.03
CA PRO B 17 8.48 5.47 14.02
C PRO B 17 9.19 4.16 14.22
N GLU B 18 9.46 3.49 13.10
CA GLU B 18 10.26 2.27 13.08
C GLU B 18 11.33 2.42 12.00
N ASN B 19 12.26 1.47 11.97
CA ASN B 19 13.36 1.52 11.02
C ASN B 19 12.95 0.97 9.65
N ALA B 20 12.96 1.82 8.64
CA ALA B 20 12.71 1.37 7.28
C ALA B 20 13.91 0.60 6.71
N TYR B 21 13.63 -0.50 6.04
CA TYR B 21 14.64 -1.30 5.38
C TYR B 21 15.44 -0.56 4.33
N ALA B 22 14.74 0.18 3.48
CA ALA B 22 15.37 0.91 2.40
C ALA B 22 15.69 2.36 2.80
N THR B 23 16.56 2.97 2.01
CA THR B 23 16.97 4.36 2.15
C THR B 23 16.54 5.12 0.93
N GLY B 24 15.88 6.23 1.15
CA GLY B 24 15.48 7.10 0.07
C GLY B 24 16.69 7.83 -0.49
N VAL B 25 16.63 8.10 -1.78
CA VAL B 25 17.64 8.89 -2.45
C VAL B 25 16.93 9.90 -3.31
N GLY B 26 17.69 10.88 -3.78
CA GLY B 26 17.14 11.87 -4.70
C GLY B 26 16.11 12.75 -4.03
N GLY B 27 16.29 12.94 -2.72
CA GLY B 27 15.41 13.80 -1.94
C GLY B 27 14.25 13.07 -1.33
N VAL B 28 14.07 11.79 -1.66
CA VAL B 28 13.02 10.99 -1.03
C VAL B 28 13.39 10.57 0.40
N ASN B 29 12.44 10.68 1.32
CA ASN B 29 12.56 10.11 2.64
C ASN B 29 11.50 9.00 2.84
N LEU B 30 11.99 7.82 3.17
CA LEU B 30 11.17 6.62 3.29
C LEU B 30 10.94 6.37 4.75
N GLY B 31 9.76 5.90 5.10
CA GLY B 31 9.43 5.66 6.50
C GLY B 31 8.69 4.35 6.67
N ARG B 32 8.80 3.82 7.88
CA ARG B 32 7.96 2.75 8.34
C ARG B 32 7.48 3.18 9.71
N ALA B 34 4.60 2.15 13.07
CA ALA B 34 3.62 1.31 13.70
C ALA B 34 2.40 2.16 13.89
N LEU B 35 1.24 1.55 13.68
CA LEU B 35 -0.01 2.28 13.77
C LEU B 35 -0.83 1.70 14.91
N ASP B 36 -1.34 2.57 15.77
CA ASP B 36 -2.30 2.19 16.81
C ASP B 36 -3.46 3.18 16.72
N LYS B 37 -4.66 2.70 16.43
CA LYS B 37 -5.82 3.55 16.25
C LYS B 37 -6.98 3.14 17.15
N THR B 38 -7.80 4.12 17.47
CA THR B 38 -9.08 3.92 18.13
C THR B 38 -10.16 4.61 17.33
N PHE B 39 -11.22 3.84 17.03
CA PHE B 39 -12.42 4.33 16.36
C PHE B 39 -13.54 4.46 17.39
N TYR B 40 -14.37 5.47 17.25
CA TYR B 40 -15.46 5.78 18.18
C TYR B 40 -16.74 5.86 17.40
N GLY B 41 -17.84 5.57 18.07
CA GLY B 41 -19.15 5.71 17.46
C GLY B 41 -19.65 4.38 16.89
N GLU B 42 -20.18 4.46 15.70
CA GLU B 42 -20.79 3.30 15.05
C GLU B 42 -19.76 2.20 14.78
N LEU B 43 -18.53 2.61 14.50
CA LEU B 43 -17.39 1.71 14.52
C LEU B 43 -16.65 2.03 15.81
N GLU B 44 -16.79 1.13 16.77
CA GLU B 44 -16.15 1.27 18.08
C GLU B 44 -15.10 0.17 18.17
N ALA B 45 -13.83 0.53 17.98
CA ALA B 45 -12.82 -0.48 17.76
C ALA B 45 -11.44 0.04 17.93
N ARG B 46 -10.50 -0.90 18.01
CA ARG B 46 -9.11 -0.55 18.05
C ARG B 46 -8.46 -1.24 16.91
N SER B 47 -7.36 -0.68 16.45
CA SER B 47 -6.59 -1.35 15.39
C SER B 47 -5.12 -1.16 15.57
N GLN B 48 -4.39 -2.13 15.05
CA GLN B 48 -2.95 -2.09 14.97
C GLN B 48 -2.51 -2.46 13.56
N GLY B 49 -1.45 -1.83 13.08
CA GLY B 49 -0.80 -2.23 11.83
C GLY B 49 0.44 -1.43 11.58
N GLU B 50 0.85 -1.32 10.30
CA GLU B 50 1.98 -0.54 9.92
C GLU B 50 1.68 0.22 8.65
N LEU B 52 3.95 2.38 5.44
CA LEU B 52 5.20 2.65 4.73
C LEU B 52 4.91 3.95 4.01
N SER B 53 5.88 4.88 3.98
CA SER B 53 5.69 6.16 3.35
C SER B 53 6.91 6.54 2.51
N ALA B 54 6.67 7.33 1.49
CA ALA B 54 7.72 8.00 0.75
C ALA B 54 7.34 9.47 0.61
N THR B 56 8.61 13.08 -0.85
CA THR B 56 9.54 13.48 -1.89
C THR B 56 10.11 14.85 -1.54
N ALA B 57 10.98 15.36 -2.39
CA ALA B 57 11.56 16.69 -2.21
C ALA B 57 10.60 17.80 -2.61
N VAL B 58 9.44 17.46 -3.16
CA VAL B 58 8.48 18.47 -3.60
C VAL B 58 7.34 18.52 -2.64
N LYS B 59 7.15 19.70 -2.05
CA LYS B 59 6.07 19.92 -1.10
C LYS B 59 4.76 19.46 -1.67
N GLY B 60 4.05 18.66 -0.88
CA GLY B 60 2.73 18.23 -1.21
C GLY B 60 2.69 16.98 -2.07
N SER B 61 3.85 16.36 -2.31
CA SER B 61 3.93 15.13 -3.12
C SER B 61 4.52 14.02 -2.26
N ALA B 62 3.76 12.94 -2.08
CA ALA B 62 4.20 11.84 -1.26
C ALA B 62 3.29 10.64 -1.55
N GLY B 63 3.65 9.49 -1.03
CA GLY B 63 2.77 8.30 -1.09
C GLY B 63 2.84 7.57 0.21
N TYR B 64 1.77 6.86 0.57
CA TYR B 64 1.85 5.95 1.68
C TYR B 64 0.92 4.73 1.41
N VAL B 65 1.23 3.65 2.09
CA VAL B 65 0.42 2.41 2.12
C VAL B 65 0.40 1.95 3.58
N ALA B 66 -0.58 1.14 3.95
CA ALA B 66 -0.72 0.62 5.30
C ALA B 66 -1.65 -0.57 5.25
N ILE B 67 -1.52 -1.47 6.23
CA ILE B 67 -2.45 -2.55 6.53
C ILE B 67 -2.63 -2.56 8.02
N GLU B 68 -3.88 -2.59 8.45
CA GLU B 68 -4.22 -2.61 9.84
C GLU B 68 -5.30 -3.66 10.09
N GLN B 69 -5.18 -4.32 11.24
CA GLN B 69 -6.18 -5.22 11.76
C GLN B 69 -7.04 -4.47 12.78
N VAL B 70 -8.33 -4.41 12.47
CA VAL B 70 -9.35 -3.79 13.31
C VAL B 70 -10.12 -4.86 14.09
N VAL B 71 -10.36 -4.53 15.36
CA VAL B 71 -11.14 -5.40 16.26
C VAL B 71 -12.09 -4.54 17.07
N GLY B 72 -13.34 -4.90 17.05
CA GLY B 72 -14.35 -4.11 17.75
C GLY B 72 -15.74 -4.38 17.28
N LYS B 73 -16.55 -3.35 17.32
CA LYS B 73 -17.96 -3.48 17.02
C LYS B 73 -18.33 -2.51 15.90
N LEU B 74 -19.11 -3.00 14.96
CA LEU B 74 -19.65 -2.18 13.90
C LEU B 74 -21.17 -2.28 13.98
N CYS B 75 -21.82 -1.14 14.24
CA CYS B 75 -23.26 -1.13 14.52
C CYS B 75 -23.66 -2.19 15.51
N GLY B 76 -22.89 -2.28 16.58
CA GLY B 76 -23.20 -3.17 17.67
C GLY B 76 -22.70 -4.58 17.54
N ARG B 77 -22.22 -4.98 16.35
CA ARG B 77 -21.82 -6.35 16.13
C ARG B 77 -20.33 -6.51 16.23
N GLN B 78 -19.91 -7.49 17.02
CA GLN B 78 -18.50 -7.67 17.38
C GLN B 78 -17.77 -8.50 16.33
N GLY B 79 -16.63 -8.03 15.88
CA GLY B 79 -15.83 -8.82 14.97
C GLY B 79 -14.48 -8.22 14.73
N SER B 80 -13.91 -8.56 13.59
CA SER B 80 -12.68 -7.97 13.14
C SER B 80 -12.70 -7.87 11.62
N PHE B 81 -11.82 -7.04 11.08
CA PHE B 81 -11.53 -7.01 9.66
C PHE B 81 -10.20 -6.31 9.46
N VAL B 82 -9.69 -6.40 8.23
CA VAL B 82 -8.45 -5.68 7.86
C VAL B 82 -8.77 -4.54 6.91
N LEU B 83 -8.14 -3.39 7.17
CA LEU B 83 -8.16 -2.25 6.27
C LEU B 83 -6.81 -2.09 5.55
N GLN B 84 -6.88 -1.77 4.26
CA GLN B 84 -5.70 -1.63 3.39
C GLN B 84 -5.77 -0.32 2.71
N HIS B 85 -4.69 0.47 2.88
CA HIS B 85 -4.60 1.84 2.41
C HIS B 85 -3.59 2.02 1.27
N PHE B 86 -3.94 2.88 0.31
CA PHE B 86 -3.01 3.31 -0.70
C PHE B 86 -3.35 4.74 -0.93
N GLY B 87 -2.40 5.63 -0.62
CA GLY B 87 -2.59 7.07 -0.73
C GLY B 87 -1.47 7.67 -1.56
N ILE B 88 -1.84 8.47 -2.53
CA ILE B 88 -0.93 9.24 -3.37
C ILE B 88 -1.34 10.71 -3.29
N THR B 90 -0.55 14.67 -4.44
CA THR B 90 0.14 15.60 -5.31
C THR B 90 -0.44 16.98 -5.00
N ASP B 91 0.40 18.00 -4.94
CA ASP B 91 0.00 19.36 -4.59
C ASP B 91 -0.75 19.46 -3.25
N GLY B 92 -0.51 18.53 -2.34
CA GLY B 92 -1.14 18.58 -1.06
C GLY B 92 -2.47 17.88 -1.01
N GLN B 93 -2.89 17.33 -2.15
CA GLN B 93 -4.18 16.66 -2.20
C GLN B 93 -4.00 15.18 -2.19
N ASN B 94 -4.37 14.52 -1.09
CA ASN B 94 -4.23 13.06 -1.01
C ASN B 94 -5.37 12.37 -1.70
N ARG B 95 -5.05 11.47 -2.62
CA ARG B 95 -6.09 10.66 -3.22
C ARG B 95 -5.95 9.31 -2.56
N LEU B 96 -6.92 8.93 -1.71
CA LEU B 96 -6.79 7.76 -0.84
C LEU B 96 -7.75 6.69 -1.26
N HIS B 97 -7.25 5.48 -1.49
CA HIS B 97 -8.06 4.28 -1.57
C HIS B 97 -7.91 3.47 -0.27
N LEU B 98 -9.02 3.20 0.40
CA LEU B 98 -8.99 2.53 1.68
C LEU B 98 -10.18 1.56 1.67
N GLU B 99 -9.87 0.27 1.70
CA GLU B 99 -10.91 -0.76 1.59
C GLU B 99 -10.71 -1.87 2.60
N VAL B 100 -11.81 -2.54 2.92
CA VAL B 100 -11.75 -3.78 3.70
C VAL B 100 -11.20 -4.87 2.77
N VAL B 101 -10.21 -5.64 3.24
CA VAL B 101 -9.65 -6.71 2.45
C VAL B 101 -10.72 -7.78 2.42
N PRO B 102 -11.10 -8.20 1.21
CA PRO B 102 -12.16 -9.24 1.06
C PRO B 102 -11.88 -10.49 1.83
N HIS B 103 -12.92 -10.97 2.52
CA HIS B 103 -12.87 -12.15 3.37
C HIS B 103 -12.02 -11.99 4.64
N SER B 104 -11.57 -10.76 4.96
CA SER B 104 -10.90 -10.51 6.22
C SER B 104 -11.86 -10.38 7.39
N GLY B 105 -13.14 -10.18 7.09
CA GLY B 105 -14.17 -10.02 8.11
C GLY B 105 -14.32 -11.30 8.90
N ALA B 106 -14.35 -11.17 10.23
CA ALA B 106 -14.51 -12.33 11.12
C ALA B 106 -15.50 -12.05 12.25
N GLY B 107 -15.88 -13.12 12.94
CA GLY B 107 -16.91 -13.07 13.96
C GLY B 107 -18.23 -12.63 13.36
N GLU B 108 -18.89 -11.67 14.00
CA GLU B 108 -20.15 -11.18 13.50
C GLU B 108 -19.97 -10.23 12.31
N LEU B 109 -18.73 -9.91 11.98
CA LEU B 109 -18.42 -9.11 10.78
C LEU B 109 -17.94 -9.99 9.62
N THR B 110 -18.18 -11.29 9.73
CA THR B 110 -17.95 -12.16 8.60
C THR B 110 -18.76 -11.64 7.42
N GLY B 111 -18.14 -11.60 6.24
CA GLY B 111 -18.78 -11.11 5.01
C GLY B 111 -18.75 -9.61 4.78
N LEU B 112 -18.07 -8.88 5.65
CA LEU B 112 -18.02 -7.43 5.54
C LEU B 112 -17.33 -6.98 4.26
N TYR B 113 -17.96 -6.02 3.59
CA TYR B 113 -17.42 -5.36 2.42
C TYR B 113 -17.44 -3.86 2.67
N GLY B 114 -16.41 -3.14 2.26
CA GLY B 114 -16.51 -1.70 2.43
C GLY B 114 -15.32 -0.84 2.07
N THR B 115 -15.59 0.46 1.98
CA THR B 115 -14.56 1.45 1.68
C THR B 115 -14.70 2.56 2.70
N ALA B 117 -13.48 6.63 3.88
CA ALA B 117 -12.90 7.92 3.54
C ALA B 117 -12.50 8.55 4.85
N ILE B 118 -11.52 9.45 4.81
CA ILE B 118 -10.98 10.06 6.01
C ILE B 118 -11.06 11.58 5.85
N SER B 119 -11.61 12.22 6.87
CA SER B 119 -11.75 13.66 6.87
C SER B 119 -11.24 14.18 8.21
N ILE B 120 -11.27 15.49 8.31
CA ILE B 120 -10.76 16.20 9.47
C ILE B 120 -11.60 17.47 9.66
N GLU B 121 -11.96 17.73 10.91
CA GLU B 121 -12.73 18.90 11.26
C GLU B 121 -12.20 19.39 12.58
N ASN B 122 -11.85 20.68 12.65
CA ASN B 122 -11.35 21.26 13.87
C ASN B 122 -10.28 20.39 14.54
N GLY B 123 -9.34 19.88 13.74
CA GLY B 123 -8.22 19.11 14.28
C GLY B 123 -8.51 17.64 14.61
N GLN B 124 -9.76 17.20 14.40
CA GLN B 124 -10.22 15.86 14.73
C GLN B 124 -10.42 15.07 13.44
N HIS B 125 -9.79 13.90 13.36
CA HIS B 125 -10.02 12.97 12.26
C HIS B 125 -11.34 12.27 12.40
N PHE B 126 -12.00 12.08 11.27
CA PHE B 126 -13.26 11.41 11.16
C PHE B 126 -13.15 10.37 10.07
N TYR B 127 -13.84 9.28 10.29
CA TYR B 127 -14.01 8.24 9.27
C TYR B 127 -15.44 8.33 8.72
N GLU B 128 -15.58 8.02 7.43
CA GLU B 128 -16.84 7.84 6.77
C GLU B 128 -16.76 6.46 6.13
N PHE B 129 -17.53 5.50 6.65
CA PHE B 129 -17.35 4.09 6.30
C PHE B 129 -18.62 3.59 5.63
N SER B 130 -18.50 3.24 4.35
CA SER B 130 -19.60 2.70 3.56
C SER B 130 -19.42 1.21 3.43
N PHE B 131 -20.37 0.44 3.97
CA PHE B 131 -20.19 -0.96 4.06
C PHE B 131 -21.51 -1.69 3.83
N CYS B 132 -21.32 -2.98 3.58
CA CYS B 132 -22.41 -3.94 3.48
C CYS B 132 -21.87 -5.31 3.74
N PHE B 133 -22.69 -6.35 3.55
CA PHE B 133 -22.25 -7.70 3.83
C PHE B 133 -22.51 -8.57 2.61
N GLU B 134 -21.61 -9.48 2.32
CA GLU B 134 -21.75 -10.37 1.18
C GLU B 134 -22.66 -11.51 1.62
N PRO B 135 -23.32 -12.18 0.67
CA PRO B 135 -24.27 -13.22 1.07
C PRO B 135 -23.59 -14.40 1.75
N ALA B 136 -24.20 -14.87 2.83
CA ALA B 136 -23.60 -15.94 3.64
C ALA B 136 -23.62 -17.28 2.93
#